data_3EEF
#
_entry.id   3EEF
#
_cell.length_a   83.970
_cell.length_b   83.970
_cell.length_c   98.725
_cell.angle_alpha   90.00
_cell.angle_beta   90.00
_cell.angle_gamma   120.00
#
_symmetry.space_group_name_H-M   'P 62'
#
loop_
_entity.id
_entity.type
_entity.pdbx_description
1 polymer 'N-carbamoylsarcosine amidase related protein'
2 non-polymer 'ZINC ION'
3 water water
#
_entity_poly.entity_id   1
_entity_poly.type   'polypeptide(L)'
_entity_poly.pdbx_seq_one_letter_code
;(MSE)KPALVVVD(MSE)VNEFIHGRLATPEA(MSE)KTVGPARKVIETFRRSGLPVVYVNDSHYPDDPEIRIWGRHS
(MSE)KGDDGSEVIDEIRPSAGDYVLEKHAYSGFYGTNLD(MSE)ILRANGIDTVVLIGLDADICVRHTAADALYRNYRI
IVVEDAVAARIDPNWKDYFTRVYGATVKRSDEIEG(MSE)LQEDQIET
;
_entity_poly.pdbx_strand_id   A,B
#
# COMPACT_ATOMS: atom_id res chain seq x y z
N LYS A 2 22.70 2.70 -6.06
CA LYS A 2 23.10 1.36 -5.58
C LYS A 2 21.84 0.51 -5.38
N PRO A 3 21.55 -0.36 -6.35
CA PRO A 3 20.28 -1.00 -6.32
C PRO A 3 20.33 -2.43 -5.82
N ALA A 4 19.20 -2.90 -5.28
CA ALA A 4 19.00 -4.32 -5.03
C ALA A 4 17.79 -4.79 -5.79
N LEU A 5 17.81 -6.05 -6.18
CA LEU A 5 16.67 -6.62 -6.89
C LEU A 5 15.78 -7.37 -5.90
N VAL A 6 14.50 -7.02 -5.88
CA VAL A 6 13.51 -7.66 -5.04
C VAL A 6 12.58 -8.43 -5.94
N VAL A 7 12.55 -9.76 -5.78
CA VAL A 7 11.80 -10.66 -6.65
C VAL A 7 10.56 -11.13 -5.93
N VAL A 8 9.41 -10.58 -6.31
CA VAL A 8 8.16 -10.79 -5.53
C VAL A 8 7.29 -12.00 -5.97
N ASP A 9 7.15 -13.01 -5.09
CA ASP A 9 6.17 -14.10 -5.28
C ASP A 9 6.27 -14.90 -6.58
N VAL A 11 6.47 -17.87 -7.31
CA VAL A 11 6.35 -19.16 -6.65
C VAL A 11 5.40 -20.07 -7.45
N ASN A 12 5.53 -21.37 -7.21
CA ASN A 12 4.86 -22.41 -8.00
C ASN A 12 3.36 -22.24 -8.15
N GLU A 13 2.67 -21.89 -7.09
CA GLU A 13 1.22 -21.82 -7.18
C GLU A 13 0.75 -20.73 -8.11
N PHE A 14 1.52 -19.65 -8.25
CA PHE A 14 1.12 -18.56 -9.14
C PHE A 14 1.64 -18.68 -10.58
N ILE A 15 2.60 -19.59 -10.79
CA ILE A 15 3.27 -19.76 -12.10
C ILE A 15 2.92 -21.12 -12.70
N HIS A 16 3.06 -22.18 -11.90
CA HIS A 16 2.87 -23.55 -12.36
C HIS A 16 1.60 -24.21 -11.86
N GLY A 17 1.05 -23.76 -10.73
CA GLY A 17 -0.03 -24.53 -10.07
C GLY A 17 -1.41 -23.90 -10.07
N ARG A 18 -2.05 -23.93 -8.91
CA ARG A 18 -3.49 -23.72 -8.80
C ARG A 18 -3.96 -22.33 -9.34
N LEU A 19 -3.13 -21.30 -9.17
CA LEU A 19 -3.51 -19.96 -9.62
C LEU A 19 -2.64 -19.48 -10.79
N ALA A 20 -2.09 -20.44 -11.52
CA ALA A 20 -1.30 -20.16 -12.72
C ALA A 20 -2.11 -19.42 -13.78
N THR A 21 -1.47 -18.42 -14.40
CA THR A 21 -1.98 -17.70 -15.60
C THR A 21 -0.84 -17.52 -16.61
N PRO A 22 -1.18 -17.22 -17.89
CA PRO A 22 -0.16 -16.94 -18.91
C PRO A 22 0.60 -15.62 -18.72
N GLU A 23 -0.07 -14.60 -18.21
CA GLU A 23 0.56 -13.33 -17.82
C GLU A 23 1.73 -13.65 -16.88
N ALA A 24 1.47 -14.50 -15.90
CA ALA A 24 2.46 -14.95 -14.93
C ALA A 24 3.61 -15.71 -15.60
N LYS A 26 4.50 -15.55 -18.62
CA LYS A 26 5.24 -14.62 -19.47
C LYS A 26 6.40 -13.93 -18.71
N THR A 27 6.31 -13.77 -17.37
CA THR A 27 7.34 -13.03 -16.58
C THR A 27 8.64 -13.79 -16.41
N VAL A 28 8.59 -15.12 -16.56
CA VAL A 28 9.73 -15.96 -16.18
C VAL A 28 11.03 -15.66 -16.96
N GLY A 29 10.96 -15.62 -18.29
CA GLY A 29 12.14 -15.29 -19.09
C GLY A 29 12.83 -14.01 -18.67
N PRO A 30 12.13 -12.88 -18.78
CA PRO A 30 12.60 -11.57 -18.30
C PRO A 30 13.12 -11.56 -16.85
N ALA A 31 12.47 -12.28 -15.96
CA ALA A 31 12.89 -12.33 -14.57
C ALA A 31 14.26 -12.98 -14.42
N ARG A 32 14.44 -14.13 -15.06
CA ARG A 32 15.73 -14.83 -15.11
C ARG A 32 16.81 -13.92 -15.66
N LYS A 33 16.48 -13.14 -16.67
CA LYS A 33 17.43 -12.22 -17.31
C LYS A 33 17.84 -11.13 -16.33
N VAL A 34 16.86 -10.55 -15.64
CA VAL A 34 17.14 -9.50 -14.65
C VAL A 34 17.92 -10.08 -13.47
N ILE A 35 17.46 -11.22 -12.98
CA ILE A 35 18.16 -11.85 -11.88
C ILE A 35 19.63 -12.11 -12.24
N GLU A 36 19.85 -12.70 -13.42
CA GLU A 36 21.20 -13.07 -13.88
C GLU A 36 22.19 -11.89 -13.93
N THR A 37 21.76 -10.76 -14.50
CA THR A 37 22.62 -9.58 -14.60
C THR A 37 22.99 -9.04 -13.20
N PHE A 38 22.03 -9.04 -12.29
CA PHE A 38 22.31 -8.58 -10.91
C PHE A 38 23.37 -9.44 -10.23
N ARG A 39 23.22 -10.75 -10.40
CA ARG A 39 24.19 -11.71 -9.87
C ARG A 39 25.56 -11.50 -10.49
N ARG A 40 25.60 -11.46 -11.83
CA ARG A 40 26.86 -11.30 -12.55
C ARG A 40 27.53 -9.99 -12.13
N SER A 41 26.74 -9.05 -11.62
CA SER A 41 27.26 -7.77 -11.19
C SER A 41 27.44 -7.63 -9.66
N GLY A 42 27.22 -8.70 -8.89
CA GLY A 42 27.48 -8.72 -7.44
C GLY A 42 26.44 -8.03 -6.54
N LEU A 43 25.41 -7.45 -7.13
CA LEU A 43 24.42 -6.69 -6.34
C LEU A 43 23.42 -7.63 -5.69
N PRO A 44 22.82 -7.23 -4.55
CA PRO A 44 21.94 -8.09 -3.80
C PRO A 44 20.66 -8.49 -4.56
N VAL A 45 20.30 -9.76 -4.41
CA VAL A 45 19.05 -10.30 -4.96
C VAL A 45 18.28 -10.90 -3.80
N VAL A 46 17.04 -10.46 -3.63
CA VAL A 46 16.21 -10.87 -2.52
C VAL A 46 14.85 -11.39 -2.99
N TYR A 47 14.58 -12.65 -2.69
CA TYR A 47 13.30 -13.23 -3.00
C TYR A 47 12.41 -13.03 -1.79
N VAL A 48 11.21 -12.52 -2.02
CA VAL A 48 10.22 -12.35 -0.98
C VAL A 48 8.96 -13.17 -1.40
N ASN A 49 8.66 -14.25 -0.67
CA ASN A 49 7.63 -15.23 -1.02
C ASN A 49 6.59 -15.42 0.05
N ASP A 50 5.32 -15.31 -0.34
CA ASP A 50 4.24 -15.74 0.54
C ASP A 50 4.57 -17.09 1.17
N SER A 51 4.39 -17.18 2.49
CA SER A 51 4.60 -18.43 3.22
C SER A 51 3.58 -18.44 4.35
N HIS A 52 2.30 -18.56 3.97
CA HIS A 52 1.16 -18.20 4.82
C HIS A 52 0.79 -19.26 5.84
N TYR A 53 0.32 -18.78 6.98
CA TYR A 53 -0.37 -19.57 7.97
C TYR A 53 -1.88 -19.45 7.70
N PRO A 54 -2.64 -20.45 8.16
CA PRO A 54 -4.09 -20.45 7.97
C PRO A 54 -4.77 -19.19 8.45
N ASP A 55 -4.21 -18.54 9.45
CA ASP A 55 -4.88 -17.40 10.07
C ASP A 55 -4.22 -16.04 9.73
N ASP A 56 -3.32 -16.02 8.73
CA ASP A 56 -2.87 -14.73 8.21
C ASP A 56 -4.09 -13.90 7.77
N PRO A 57 -4.05 -12.58 8.01
CA PRO A 57 -5.20 -11.69 7.74
C PRO A 57 -5.81 -11.87 6.36
N GLU A 58 -4.95 -12.07 5.36
CA GLU A 58 -5.46 -12.09 3.98
C GLU A 58 -6.08 -13.45 3.55
N ILE A 59 -5.99 -14.47 4.39
CA ILE A 59 -6.55 -15.79 4.10
C ILE A 59 -8.09 -15.80 4.06
N ARG A 60 -8.70 -15.04 4.97
CA ARG A 60 -10.12 -14.72 4.90
C ARG A 60 -10.50 -14.15 3.51
N ILE A 61 -9.64 -13.34 2.90
CA ILE A 61 -9.96 -12.72 1.60
C ILE A 61 -9.78 -13.68 0.42
N TRP A 62 -8.65 -14.39 0.39
CA TRP A 62 -8.29 -15.18 -0.80
C TRP A 62 -8.53 -16.67 -0.63
N GLY A 63 -8.70 -17.13 0.62
CA GLY A 63 -8.58 -18.56 0.94
C GLY A 63 -7.10 -18.97 0.99
N ARG A 64 -6.81 -20.25 1.26
CA ARG A 64 -5.45 -20.72 1.35
C ARG A 64 -4.72 -20.59 0.01
N HIS A 65 -3.49 -20.10 0.09
CA HIS A 65 -2.62 -20.00 -1.10
C HIS A 65 -1.20 -19.79 -0.59
N SER A 66 -0.22 -20.34 -1.33
CA SER A 66 1.18 -20.17 -1.01
C SER A 66 1.40 -20.35 0.50
N LYS A 68 2.84 -21.96 4.04
CA LYS A 68 4.14 -22.39 4.56
C LYS A 68 4.20 -23.91 4.52
N GLY A 69 5.32 -24.44 4.03
CA GLY A 69 5.54 -25.89 4.00
C GLY A 69 5.11 -26.59 2.72
N ASP A 70 4.08 -26.06 2.06
CA ASP A 70 3.52 -26.66 0.84
C ASP A 70 4.34 -26.13 -0.38
N ASP A 71 4.47 -26.96 -1.42
CA ASP A 71 5.36 -26.66 -2.58
C ASP A 71 4.88 -25.47 -3.41
N GLY A 72 3.62 -25.06 -3.21
CA GLY A 72 3.04 -23.87 -3.79
C GLY A 72 3.78 -22.60 -3.40
N SER A 73 4.38 -22.60 -2.21
CA SER A 73 5.12 -21.44 -1.69
C SER A 73 6.59 -21.44 -2.08
N GLU A 74 7.01 -22.44 -2.84
CA GLU A 74 8.41 -22.55 -3.24
C GLU A 74 8.65 -21.77 -4.54
N VAL A 75 9.85 -21.19 -4.62
CA VAL A 75 10.28 -20.43 -5.80
C VAL A 75 10.35 -21.37 -6.99
N ILE A 76 9.91 -20.92 -8.15
CA ILE A 76 9.91 -21.76 -9.34
C ILE A 76 11.36 -22.13 -9.70
N ASP A 77 11.54 -23.36 -10.21
CA ASP A 77 12.89 -23.91 -10.50
C ASP A 77 13.61 -23.12 -11.57
N GLU A 78 12.85 -22.59 -12.51
CA GLU A 78 13.42 -21.76 -13.58
C GLU A 78 14.38 -20.68 -13.07
N ILE A 79 14.05 -20.07 -11.92
CA ILE A 79 14.88 -19.01 -11.31
C ILE A 79 15.24 -19.38 -9.87
N ARG A 80 15.54 -20.65 -9.67
CA ARG A 80 15.98 -21.17 -8.40
C ARG A 80 16.99 -20.22 -7.79
N PRO A 81 16.86 -19.98 -6.50
CA PRO A 81 17.83 -19.07 -5.91
C PRO A 81 19.20 -19.75 -5.77
N SER A 82 20.25 -18.96 -5.93
CA SER A 82 21.64 -19.38 -5.75
C SER A 82 22.16 -19.02 -4.37
N ALA A 83 23.37 -19.51 -4.10
CA ALA A 83 24.17 -19.09 -2.96
C ALA A 83 24.38 -17.58 -3.05
N GLY A 84 24.09 -16.88 -1.96
CA GLY A 84 24.27 -15.41 -1.90
C GLY A 84 22.97 -14.63 -2.03
N ASP A 85 22.04 -15.16 -2.82
CA ASP A 85 20.68 -14.62 -2.89
C ASP A 85 20.01 -14.75 -1.54
N TYR A 86 19.23 -13.74 -1.15
CA TYR A 86 18.41 -13.83 0.05
C TYR A 86 16.98 -14.40 -0.24
N VAL A 87 16.47 -15.29 0.62
CA VAL A 87 15.11 -15.83 0.47
C VAL A 87 14.32 -15.56 1.77
N LEU A 88 13.27 -14.75 1.63
CA LEU A 88 12.48 -14.27 2.76
C LEU A 88 11.06 -14.84 2.64
N GLU A 89 10.51 -15.23 3.80
CA GLU A 89 9.12 -15.62 3.90
C GLU A 89 8.36 -14.39 4.32
N LYS A 90 7.22 -14.15 3.68
CA LYS A 90 6.35 -13.04 4.06
C LYS A 90 4.91 -13.55 4.29
N HIS A 91 4.16 -12.81 5.10
CA HIS A 91 2.79 -13.18 5.48
C HIS A 91 1.70 -12.16 5.06
N ALA A 92 2.11 -11.09 4.35
CA ALA A 92 1.22 -10.04 3.86
C ALA A 92 1.70 -9.56 2.50
N TYR A 93 0.93 -8.69 1.88
CA TYR A 93 1.20 -8.32 0.47
C TYR A 93 2.61 -7.73 0.30
N SER A 94 2.94 -6.74 1.13
CA SER A 94 4.24 -6.10 1.09
C SER A 94 5.38 -6.99 1.53
N GLY A 95 6.46 -7.01 0.75
CA GLY A 95 7.70 -7.68 1.13
C GLY A 95 8.37 -7.15 2.38
N PHE A 96 7.95 -5.98 2.86
CA PHE A 96 8.53 -5.39 4.07
C PHE A 96 7.79 -5.75 5.34
N TYR A 97 6.49 -6.02 5.27
CA TYR A 97 5.73 -6.22 6.49
C TYR A 97 6.07 -7.52 7.20
N GLY A 98 6.53 -7.36 8.43
CA GLY A 98 6.94 -8.49 9.24
C GLY A 98 8.17 -9.23 8.75
N THR A 99 8.98 -8.59 7.91
CA THR A 99 10.17 -9.24 7.35
C THR A 99 11.43 -8.47 7.71
N ASN A 100 12.55 -9.00 7.34
CA ASN A 100 13.83 -8.29 7.52
C ASN A 100 14.33 -7.72 6.20
N LEU A 101 13.40 -7.42 5.29
CA LEU A 101 13.82 -6.91 4.00
C LEU A 101 14.57 -5.60 4.19
N ASP A 102 14.05 -4.72 5.02
CA ASP A 102 14.65 -3.42 5.15
C ASP A 102 16.06 -3.58 5.72
N ILE A 104 18.23 -5.95 5.25
CA ILE A 104 19.15 -6.43 4.24
C ILE A 104 19.53 -5.30 3.31
N LEU A 105 18.52 -4.50 2.92
CA LEU A 105 18.74 -3.33 2.07
C LEU A 105 19.64 -2.31 2.77
N ARG A 106 19.39 -2.05 4.04
CA ARG A 106 20.22 -1.10 4.74
C ARG A 106 21.62 -1.64 4.94
N ALA A 107 21.76 -2.93 5.24
CA ALA A 107 23.10 -3.50 5.49
C ALA A 107 23.98 -3.46 4.25
N ASN A 108 23.36 -3.47 3.07
CA ASN A 108 24.12 -3.43 1.82
C ASN A 108 24.09 -2.00 1.22
N GLY A 109 23.80 -0.99 2.05
CA GLY A 109 23.85 0.42 1.64
C GLY A 109 22.92 0.85 0.51
N ILE A 110 21.82 0.10 0.31
CA ILE A 110 20.95 0.24 -0.86
C ILE A 110 20.14 1.53 -0.87
N ASP A 111 19.99 2.13 -2.05
CA ASP A 111 19.16 3.33 -2.17
C ASP A 111 18.06 3.24 -3.25
N THR A 112 18.04 2.13 -4.00
CA THR A 112 17.09 1.94 -5.07
C THR A 112 16.67 0.48 -5.06
N VAL A 113 15.36 0.23 -5.14
CA VAL A 113 14.88 -1.14 -5.28
C VAL A 113 14.43 -1.36 -6.69
N VAL A 114 14.83 -2.49 -7.25
CA VAL A 114 14.31 -2.89 -8.56
C VAL A 114 13.34 -4.01 -8.32
N LEU A 115 12.12 -3.82 -8.79
CA LEU A 115 11.01 -4.74 -8.46
C LEU A 115 10.57 -5.57 -9.66
N ILE A 116 10.52 -6.88 -9.49
CA ILE A 116 9.92 -7.75 -10.47
C ILE A 116 9.06 -8.79 -9.75
N GLY A 117 8.16 -9.44 -10.49
CA GLY A 117 7.36 -10.57 -9.98
C GLY A 117 5.86 -10.34 -10.00
N LEU A 118 5.16 -10.99 -9.06
CA LEU A 118 3.71 -11.09 -9.02
C LEU A 118 3.10 -10.37 -7.84
N ASP A 119 2.20 -9.42 -8.08
CA ASP A 119 1.93 -8.84 -9.39
C ASP A 119 1.77 -7.34 -9.25
N ALA A 120 1.65 -6.67 -10.40
CA ALA A 120 1.53 -5.22 -10.48
C ALA A 120 0.35 -4.57 -9.68
N ASP A 121 -0.68 -5.35 -9.41
CA ASP A 121 -1.86 -4.84 -8.72
C ASP A 121 -1.80 -4.98 -7.21
N ILE A 122 -1.18 -6.07 -6.76
CA ILE A 122 -1.18 -6.42 -5.35
C ILE A 122 0.26 -6.39 -4.78
N CYS A 123 0.96 -7.51 -4.79
CA CYS A 123 2.16 -7.59 -3.94
C CYS A 123 3.32 -6.70 -4.41
N VAL A 124 3.50 -6.54 -5.73
CA VAL A 124 4.58 -5.73 -6.26
C VAL A 124 4.33 -4.27 -5.88
N ARG A 125 3.08 -3.87 -6.01
CA ARG A 125 2.67 -2.52 -5.77
C ARG A 125 2.78 -2.15 -4.29
N HIS A 126 2.35 -3.09 -3.45
CA HIS A 126 2.38 -2.93 -2.00
C HIS A 126 3.81 -2.86 -1.49
N THR A 127 4.65 -3.75 -1.98
CA THR A 127 6.08 -3.63 -1.74
C THR A 127 6.62 -2.26 -2.17
N ALA A 128 6.17 -1.76 -3.32
CA ALA A 128 6.61 -0.44 -3.85
C ALA A 128 6.27 0.66 -2.86
N ALA A 129 5.03 0.64 -2.39
CA ALA A 129 4.52 1.61 -1.41
C ALA A 129 5.43 1.69 -0.20
N ASP A 130 5.75 0.55 0.35
CA ASP A 130 6.60 0.51 1.55
C ASP A 130 8.01 1.00 1.30
N ALA A 131 8.54 0.74 0.09
CA ALA A 131 9.85 1.19 -0.36
C ALA A 131 9.90 2.70 -0.33
N LEU A 132 8.85 3.32 -0.88
CA LEU A 132 8.68 4.77 -0.86
C LEU A 132 8.70 5.37 0.52
N TYR A 133 7.86 4.88 1.42
CA TYR A 133 7.85 5.33 2.81
C TYR A 133 9.27 5.31 3.43
N ARG A 134 10.04 4.30 3.06
CA ARG A 134 11.38 4.13 3.59
C ARG A 134 12.45 4.81 2.70
N ASN A 135 12.04 5.73 1.82
CA ASN A 135 12.96 6.60 1.09
C ASN A 135 13.88 5.92 0.07
N TYR A 136 13.52 4.73 -0.38
CA TYR A 136 14.14 4.12 -1.55
C TYR A 136 13.62 4.76 -2.83
N ARG A 137 14.45 4.79 -3.86
CA ARG A 137 13.95 5.02 -5.23
C ARG A 137 13.49 3.69 -5.78
N ILE A 138 12.58 3.76 -6.76
CA ILE A 138 11.90 2.59 -7.25
C ILE A 138 12.00 2.43 -8.77
N ILE A 139 12.34 1.21 -9.20
CA ILE A 139 12.36 0.85 -10.59
C ILE A 139 11.55 -0.42 -10.71
N VAL A 140 10.73 -0.49 -11.74
CA VAL A 140 9.95 -1.68 -12.06
C VAL A 140 10.27 -2.18 -13.48
N VAL A 141 10.52 -3.47 -13.63
CA VAL A 141 10.80 -4.07 -14.93
C VAL A 141 9.52 -4.60 -15.55
N GLU A 142 8.86 -3.77 -16.37
CA GLU A 142 7.51 -4.03 -16.87
C GLU A 142 7.26 -5.44 -17.39
N ASP A 143 8.21 -5.97 -18.17
CA ASP A 143 8.04 -7.28 -18.81
C ASP A 143 8.31 -8.39 -17.85
N ALA A 144 8.84 -8.04 -16.69
CA ALA A 144 9.04 -9.02 -15.64
C ALA A 144 7.98 -8.89 -14.54
N VAL A 145 6.93 -8.11 -14.81
CA VAL A 145 5.79 -8.00 -13.88
C VAL A 145 4.49 -8.31 -14.62
N ALA A 146 3.60 -9.05 -13.97
CA ALA A 146 2.28 -9.35 -14.56
C ALA A 146 1.17 -8.59 -13.88
N ALA A 147 0.27 -7.96 -14.65
CA ALA A 147 -0.95 -7.35 -14.10
C ALA A 147 -1.98 -8.43 -13.74
N ARG A 148 -2.97 -8.07 -12.93
CA ARG A 148 -4.09 -8.94 -12.61
C ARG A 148 -5.42 -8.26 -12.98
N ILE A 149 -5.79 -7.20 -12.29
CA ILE A 149 -7.08 -6.51 -12.48
C ILE A 149 -6.96 -5.13 -13.20
N ASP A 150 -5.95 -4.34 -12.82
CA ASP A 150 -5.81 -2.97 -13.34
C ASP A 150 -4.94 -2.94 -14.59
N PRO A 151 -5.49 -2.43 -15.72
CA PRO A 151 -4.70 -2.26 -16.94
C PRO A 151 -3.87 -0.96 -16.94
N ASN A 152 -4.24 -0.01 -16.10
CA ASN A 152 -3.49 1.24 -15.93
C ASN A 152 -2.36 1.16 -14.88
N TRP A 153 -1.84 -0.05 -14.62
CA TRP A 153 -0.90 -0.25 -13.51
C TRP A 153 0.38 0.58 -13.68
N LYS A 154 0.93 0.56 -14.90
CA LYS A 154 2.15 1.30 -15.22
C LYS A 154 2.00 2.78 -14.83
N ASP A 155 0.84 3.35 -15.14
CA ASP A 155 0.51 4.75 -14.83
C ASP A 155 0.47 5.03 -13.33
N TYR A 156 0.01 4.03 -12.58
CA TYR A 156 -0.12 4.13 -11.14
C TYR A 156 1.25 4.15 -10.48
N PHE A 157 2.10 3.18 -10.83
CA PHE A 157 3.46 3.17 -10.38
C PHE A 157 4.17 4.52 -10.56
N THR A 158 4.11 5.04 -11.78
CA THR A 158 4.81 6.27 -12.14
C THR A 158 4.20 7.50 -11.45
N ARG A 159 2.88 7.59 -11.44
CA ARG A 159 2.23 8.77 -10.87
C ARG A 159 2.22 8.76 -9.32
N VAL A 160 2.12 7.58 -8.72
CA VAL A 160 1.94 7.49 -7.27
C VAL A 160 3.21 7.13 -6.47
N TYR A 161 4.08 6.32 -7.05
CA TYR A 161 5.33 5.97 -6.39
C TYR A 161 6.57 6.58 -7.05
N GLY A 162 6.37 7.49 -8.02
CA GLY A 162 7.46 8.06 -8.79
C GLY A 162 8.39 7.05 -9.41
N ALA A 163 7.88 5.83 -9.66
CA ALA A 163 8.72 4.73 -10.20
C ALA A 163 9.15 5.05 -11.61
N THR A 164 10.36 4.60 -11.96
CA THR A 164 10.75 4.62 -13.35
C THR A 164 10.61 3.18 -13.86
N VAL A 165 10.06 3.05 -15.07
CA VAL A 165 9.75 1.76 -15.67
C VAL A 165 10.81 1.40 -16.72
N LYS A 166 11.34 0.18 -16.65
CA LYS A 166 12.36 -0.28 -17.57
C LYS A 166 11.95 -1.61 -18.17
N ARG A 167 12.67 -2.07 -19.20
CA ARG A 167 12.48 -3.40 -19.75
C ARG A 167 13.65 -4.27 -19.37
N SER A 168 13.43 -5.59 -19.39
CA SER A 168 14.45 -6.52 -18.92
C SER A 168 15.73 -6.36 -19.72
N ASP A 169 15.61 -6.09 -21.03
CA ASP A 169 16.79 -5.93 -21.91
C ASP A 169 17.58 -4.63 -21.69
N GLU A 170 17.09 -3.72 -20.85
CA GLU A 170 17.86 -2.54 -20.44
C GLU A 170 18.61 -2.77 -19.09
N ILE A 171 19.73 -2.08 -18.90
CA ILE A 171 20.52 -2.19 -17.65
C ILE A 171 21.42 -0.95 -17.43
N GLU A 172 21.11 -0.23 -16.35
CA GLU A 172 21.87 0.94 -15.95
C GLU A 172 23.09 0.57 -15.09
N GLY A 173 23.41 -0.73 -14.97
CA GLY A 173 24.59 -1.18 -14.21
C GLY A 173 25.84 -1.36 -15.06
N LYS B 2 -15.97 -3.33 17.42
CA LYS B 2 -15.61 -2.10 18.13
C LYS B 2 -14.79 -1.22 17.21
N PRO B 3 -15.42 -0.19 16.62
CA PRO B 3 -14.75 0.51 15.53
C PRO B 3 -14.19 1.86 15.92
N ALA B 4 -13.17 2.31 15.20
CA ALA B 4 -12.75 3.70 15.28
C ALA B 4 -12.88 4.34 13.91
N LEU B 5 -13.09 5.65 13.89
CA LEU B 5 -13.19 6.35 12.64
C LEU B 5 -11.84 7.00 12.39
N VAL B 6 -11.30 6.75 11.19
CA VAL B 6 -10.04 7.35 10.74
C VAL B 6 -10.39 8.28 9.57
N VAL B 7 -10.11 9.56 9.74
CA VAL B 7 -10.51 10.61 8.81
C VAL B 7 -9.27 11.11 8.09
N VAL B 8 -9.11 10.72 6.82
CA VAL B 8 -7.86 10.89 6.05
C VAL B 8 -7.81 12.18 5.17
N ASP B 9 -6.90 13.08 5.53
CA ASP B 9 -6.52 14.24 4.72
C ASP B 9 -7.67 15.17 4.32
N VAL B 11 -8.09 18.07 4.65
CA VAL B 11 -7.38 19.31 4.90
C VAL B 11 -7.66 20.31 3.78
N ASN B 12 -7.37 21.57 4.03
CA ASN B 12 -7.67 22.65 3.10
C ASN B 12 -7.08 22.39 1.73
N GLU B 13 -5.83 21.91 1.72
CA GLU B 13 -5.14 21.57 0.47
C GLU B 13 -5.95 20.60 -0.42
N PHE B 14 -6.54 19.57 0.16
CA PHE B 14 -7.21 18.53 -0.63
C PHE B 14 -8.67 18.88 -0.92
N ILE B 15 -9.22 19.86 -0.22
CA ILE B 15 -10.62 20.24 -0.36
C ILE B 15 -10.74 21.58 -1.09
N HIS B 16 -10.29 22.66 -0.44
CA HIS B 16 -10.37 24.03 -0.99
C HIS B 16 -9.10 24.41 -1.78
N GLY B 17 -7.93 24.06 -1.23
CA GLY B 17 -6.63 24.41 -1.79
C GLY B 17 -6.25 23.71 -3.10
N ARG B 18 -4.94 23.61 -3.31
CA ARG B 18 -4.34 23.48 -4.66
C ARG B 18 -4.54 22.14 -5.41
N LEU B 19 -4.30 21.02 -4.72
CA LEU B 19 -4.37 19.68 -5.34
C LEU B 19 -5.77 19.02 -5.29
N ALA B 20 -6.81 19.83 -5.00
CA ALA B 20 -8.17 19.34 -4.74
C ALA B 20 -8.88 18.67 -5.93
N THR B 21 -9.36 17.44 -5.72
CA THR B 21 -10.15 16.70 -6.71
C THR B 21 -11.54 17.37 -6.89
N PRO B 22 -12.17 17.19 -8.07
CA PRO B 22 -13.44 17.91 -8.31
C PRO B 22 -14.57 17.45 -7.38
N GLU B 23 -14.71 16.12 -7.24
CA GLU B 23 -15.71 15.53 -6.34
C GLU B 23 -15.30 15.53 -4.84
N ALA B 24 -14.14 16.12 -4.52
CA ALA B 24 -13.63 16.20 -3.14
C ALA B 24 -14.53 17.06 -2.24
N LYS B 26 -17.76 17.11 -2.50
CA LYS B 26 -18.98 16.37 -2.24
C LYS B 26 -18.89 15.43 -1.00
N THR B 27 -17.66 15.18 -0.50
CA THR B 27 -17.47 14.29 0.67
C THR B 27 -17.72 14.94 2.02
N VAL B 28 -17.85 16.26 2.03
CA VAL B 28 -17.78 17.02 3.28
C VAL B 28 -19.01 16.84 4.17
N GLY B 29 -20.19 16.81 3.56
CA GLY B 29 -21.45 16.61 4.30
C GLY B 29 -21.56 15.20 4.85
N PRO B 30 -21.26 14.19 4.01
CA PRO B 30 -21.17 12.81 4.50
C PRO B 30 -20.11 12.60 5.60
N ALA B 31 -18.95 13.22 5.44
CA ALA B 31 -17.88 13.12 6.44
C ALA B 31 -18.30 13.66 7.81
N ARG B 32 -18.87 14.87 7.82
CA ARG B 32 -19.45 15.47 9.02
C ARG B 32 -20.51 14.56 9.65
N LYS B 33 -21.32 13.92 8.82
CA LYS B 33 -22.38 13.03 9.29
C LYS B 33 -21.80 11.81 10.00
N VAL B 34 -20.79 11.21 9.37
CA VAL B 34 -20.10 10.04 9.93
C VAL B 34 -19.36 10.43 11.19
N ILE B 35 -18.63 11.52 11.14
CA ILE B 35 -17.89 11.97 12.31
C ILE B 35 -18.84 12.18 13.50
N GLU B 36 -19.95 12.91 13.25
CA GLU B 36 -20.93 13.25 14.29
C GLU B 36 -21.50 12.00 14.99
N THR B 37 -21.91 10.99 14.20
CA THR B 37 -22.48 9.78 14.79
C THR B 37 -21.45 9.05 15.66
N PHE B 38 -20.18 9.04 15.23
CA PHE B 38 -19.14 8.40 16.03
C PHE B 38 -18.96 9.11 17.36
N ARG B 39 -18.91 10.43 17.31
CA ARG B 39 -18.81 11.27 18.51
C ARG B 39 -20.00 11.04 19.45
N ARG B 40 -21.21 11.15 18.91
CA ARG B 40 -22.44 10.95 19.69
C ARG B 40 -22.46 9.56 20.35
N SER B 41 -21.70 8.63 19.77
CA SER B 41 -21.61 7.27 20.30
C SER B 41 -20.31 6.94 21.07
N GLY B 42 -19.47 7.94 21.33
CA GLY B 42 -18.31 7.75 22.21
C GLY B 42 -17.10 7.01 21.63
N LEU B 43 -17.20 6.58 20.38
CA LEU B 43 -16.13 5.83 19.74
C LEU B 43 -15.02 6.77 19.23
N PRO B 44 -13.78 6.26 19.14
CA PRO B 44 -12.63 7.10 18.80
C PRO B 44 -12.66 7.68 17.39
N VAL B 45 -12.30 8.94 17.28
CA VAL B 45 -12.20 9.61 15.99
C VAL B 45 -10.77 10.13 15.83
N VAL B 46 -10.11 9.70 14.75
CA VAL B 46 -8.74 10.02 14.57
C VAL B 46 -8.54 10.68 13.22
N TYR B 47 -8.05 11.92 13.25
CA TYR B 47 -7.69 12.62 12.02
C TYR B 47 -6.22 12.36 11.75
N VAL B 48 -5.93 11.94 10.51
CA VAL B 48 -4.57 11.73 10.05
C VAL B 48 -4.35 12.66 8.84
N ASN B 49 -3.48 13.64 9.03
CA ASN B 49 -3.27 14.72 8.06
C ASN B 49 -1.83 14.88 7.63
N ASP B 50 -1.59 14.83 6.31
CA ASP B 50 -0.29 15.20 5.76
C ASP B 50 0.22 16.47 6.41
N SER B 51 1.46 16.43 6.88
CA SER B 51 2.10 17.56 7.50
C SER B 51 3.57 17.55 7.10
N HIS B 52 3.80 17.78 5.80
CA HIS B 52 5.05 17.41 5.17
C HIS B 52 6.22 18.35 5.50
N TYR B 53 7.41 17.77 5.50
CA TYR B 53 8.68 18.47 5.37
C TYR B 53 9.06 18.45 3.89
N PRO B 54 9.87 19.46 3.47
CA PRO B 54 10.36 19.58 2.09
C PRO B 54 11.03 18.33 1.54
N ASP B 55 11.59 17.50 2.42
CA ASP B 55 12.36 16.32 1.97
C ASP B 55 11.66 14.98 2.27
N ASP B 56 10.38 15.02 2.67
CA ASP B 56 9.60 13.79 2.70
C ASP B 56 9.68 13.11 1.34
N PRO B 57 9.67 11.76 1.32
CA PRO B 57 9.91 10.99 0.11
C PRO B 57 8.99 11.32 -1.06
N GLU B 58 7.75 11.68 -0.77
CA GLU B 58 6.78 11.90 -1.85
C GLU B 58 6.80 13.32 -2.43
N ILE B 59 7.62 14.20 -1.85
CA ILE B 59 7.73 15.58 -2.35
C ILE B 59 8.33 15.60 -3.76
N ARG B 60 9.35 14.80 -3.99
CA ARG B 60 9.88 14.62 -5.36
C ARG B 60 8.80 14.19 -6.39
N ILE B 61 7.77 13.50 -5.91
CA ILE B 61 6.69 13.04 -6.79
C ILE B 61 5.61 14.09 -6.99
N TRP B 62 5.17 14.74 -5.92
CA TRP B 62 4.02 15.64 -5.99
C TRP B 62 4.36 17.11 -5.87
N GLY B 63 5.59 17.44 -5.50
CA GLY B 63 5.97 18.82 -5.17
C GLY B 63 5.40 19.15 -3.81
N ARG B 64 5.60 20.39 -3.35
CA ARG B 64 5.16 20.80 -2.01
C ARG B 64 3.64 20.82 -1.91
N HIS B 65 3.11 20.22 -0.84
CA HIS B 65 1.68 20.17 -0.62
C HIS B 65 1.45 19.82 0.84
N SER B 66 0.39 20.34 1.43
CA SER B 66 0.03 20.03 2.81
C SER B 66 1.26 20.04 3.73
N LYS B 68 3.88 21.08 6.71
CA LYS B 68 3.81 21.38 8.14
C LYS B 68 3.89 22.89 8.35
N GLY B 69 2.98 23.41 9.16
CA GLY B 69 2.96 24.85 9.50
C GLY B 69 2.09 25.74 8.62
N ASP B 70 1.90 25.34 7.37
CA ASP B 70 1.11 26.10 6.40
C ASP B 70 -0.40 25.68 6.54
N ASP B 71 -1.32 26.59 6.25
CA ASP B 71 -2.76 26.37 6.49
C ASP B 71 -3.36 25.30 5.58
N GLY B 72 -2.66 24.97 4.49
CA GLY B 72 -3.02 23.85 3.62
C GLY B 72 -3.04 22.52 4.33
N SER B 73 -2.24 22.37 5.39
CA SER B 73 -2.21 21.11 6.16
C SER B 73 -3.25 21.08 7.31
N GLU B 74 -4.08 22.11 7.38
CA GLU B 74 -5.05 22.23 8.46
C GLU B 74 -6.39 21.59 8.07
N VAL B 75 -7.01 20.92 9.03
CA VAL B 75 -8.32 20.26 8.83
C VAL B 75 -9.34 21.31 8.49
N ILE B 76 -10.22 21.02 7.55
CA ILE B 76 -11.20 22.01 7.10
C ILE B 76 -12.14 22.36 8.26
N ASP B 77 -12.57 23.62 8.34
CA ASP B 77 -13.39 24.12 9.46
C ASP B 77 -14.75 23.42 9.58
N GLU B 78 -15.29 23.03 8.44
CA GLU B 78 -16.56 22.31 8.38
C GLU B 78 -16.61 21.15 9.37
N ILE B 79 -15.48 20.43 9.49
CA ILE B 79 -15.38 19.26 10.37
C ILE B 79 -14.19 19.43 11.32
N ARG B 80 -14.04 20.66 11.84
CA ARG B 80 -13.06 20.94 12.88
C ARG B 80 -13.11 19.83 13.97
N PRO B 81 -11.94 19.30 14.35
CA PRO B 81 -11.92 18.32 15.44
C PRO B 81 -12.34 18.93 16.76
N SER B 82 -12.97 18.12 17.60
CA SER B 82 -13.23 18.49 18.97
C SER B 82 -12.09 17.96 19.83
N ALA B 83 -12.05 18.38 21.07
CA ALA B 83 -11.39 17.57 22.09
C ALA B 83 -12.39 16.41 22.33
N GLY B 84 -11.97 15.18 22.59
CA GLY B 84 -10.65 14.64 22.30
C GLY B 84 -10.86 13.70 21.12
N ASP B 85 -11.01 14.28 19.95
CA ASP B 85 -10.74 13.55 18.72
C ASP B 85 -9.23 13.50 18.75
N TYR B 86 -8.63 12.46 18.16
CA TYR B 86 -7.18 12.43 18.03
C TYR B 86 -6.81 13.09 16.73
N VAL B 87 -5.78 13.92 16.76
CA VAL B 87 -5.29 14.57 15.54
C VAL B 87 -3.84 14.19 15.41
N LEU B 88 -3.54 13.47 14.33
CA LEU B 88 -2.21 12.96 14.08
C LEU B 88 -1.66 13.62 12.82
N GLU B 89 -0.38 13.95 12.87
CA GLU B 89 0.37 14.39 11.70
C GLU B 89 1.03 13.19 11.05
N LYS B 90 0.91 13.06 9.73
CA LYS B 90 1.56 11.96 9.02
C LYS B 90 2.46 12.51 7.92
N HIS B 91 3.44 11.72 7.47
CA HIS B 91 4.41 12.16 6.45
C HIS B 91 4.43 11.28 5.18
N ALA B 92 3.54 10.28 5.15
CA ALA B 92 3.43 9.39 4.04
C ALA B 92 1.94 9.07 3.77
N TYR B 93 1.68 8.26 2.76
CA TYR B 93 0.29 8.05 2.34
C TYR B 93 -0.53 7.41 3.48
N SER B 94 0.01 6.33 4.03
CA SER B 94 -0.67 5.61 5.11
C SER B 94 -0.70 6.39 6.39
N GLY B 95 -1.86 6.41 7.00
CA GLY B 95 -2.04 6.98 8.32
C GLY B 95 -1.30 6.25 9.42
N PHE B 96 -0.82 5.02 9.12
CA PHE B 96 -0.01 4.27 10.09
C PHE B 96 1.50 4.54 10.01
N TYR B 97 2.02 4.93 8.86
CA TYR B 97 3.47 4.98 8.73
C TYR B 97 4.06 6.14 9.49
N GLY B 98 4.90 5.83 10.45
CA GLY B 98 5.58 6.84 11.27
C GLY B 98 4.67 7.52 12.26
N THR B 99 3.49 6.96 12.53
CA THR B 99 2.54 7.59 13.47
C THR B 99 2.22 6.64 14.62
N ASN B 100 1.42 7.14 15.56
CA ASN B 100 0.94 6.33 16.69
C ASN B 100 -0.50 5.90 16.49
N LEU B 101 -0.93 5.78 15.24
CA LEU B 101 -2.31 5.39 15.00
C LEU B 101 -2.58 4.03 15.64
N ASP B 102 -1.69 3.08 15.38
CA ASP B 102 -1.92 1.71 15.82
C ASP B 102 -2.04 1.66 17.35
N ILE B 104 -3.21 4.02 19.34
CA ILE B 104 -4.48 4.53 19.76
C ILE B 104 -5.51 3.43 19.58
N LEU B 105 -5.51 2.79 18.42
CA LEU B 105 -6.48 1.77 18.11
C LEU B 105 -6.34 0.59 19.08
N ARG B 106 -5.11 0.18 19.37
CA ARG B 106 -4.93 -0.90 20.33
C ARG B 106 -5.34 -0.51 21.74
N ALA B 107 -5.04 0.72 22.15
CA ALA B 107 -5.30 1.15 23.51
C ALA B 107 -6.81 1.19 23.75
N ASN B 108 -7.60 1.44 22.71
CA ASN B 108 -9.06 1.48 22.85
C ASN B 108 -9.68 0.14 22.43
N GLY B 109 -8.88 -0.92 22.35
CA GLY B 109 -9.42 -2.29 22.07
C GLY B 109 -10.09 -2.48 20.71
N ILE B 110 -9.74 -1.63 19.72
CA ILE B 110 -10.39 -1.60 18.39
C ILE B 110 -10.15 -2.82 17.50
N ASP B 111 -11.18 -3.24 16.78
CA ASP B 111 -10.99 -4.38 15.86
C ASP B 111 -11.41 -4.09 14.41
N THR B 112 -11.93 -2.89 14.17
CA THR B 112 -12.49 -2.49 12.89
C THR B 112 -12.20 -1.03 12.70
N VAL B 113 -11.70 -0.65 11.52
CA VAL B 113 -11.48 0.76 11.21
C VAL B 113 -12.48 1.19 10.18
N VAL B 114 -13.10 2.35 10.43
CA VAL B 114 -13.98 2.93 9.45
C VAL B 114 -13.25 4.08 8.80
N LEU B 115 -13.12 4.03 7.49
CA LEU B 115 -12.28 4.96 6.74
C LEU B 115 -13.09 5.96 5.90
N ILE B 116 -12.82 7.24 6.11
CA ILE B 116 -13.25 8.30 5.21
C ILE B 116 -12.10 9.25 4.87
N GLY B 117 -12.32 10.04 3.81
CA GLY B 117 -11.41 11.10 3.42
C GLY B 117 -10.85 10.91 2.03
N LEU B 118 -9.66 11.45 1.83
CA LEU B 118 -9.11 11.61 0.50
C LEU B 118 -7.69 11.09 0.52
N ASP B 119 -7.17 10.47 -0.55
CA ASP B 119 -7.91 10.10 -1.75
C ASP B 119 -8.31 8.65 -1.63
N ALA B 120 -9.45 8.30 -2.20
CA ALA B 120 -9.95 6.93 -2.21
C ALA B 120 -8.91 5.97 -2.68
N ASP B 121 -8.20 6.35 -3.74
CA ASP B 121 -7.31 5.43 -4.42
C ASP B 121 -5.82 5.65 -4.02
N ILE B 122 -5.55 6.56 -3.09
CA ILE B 122 -4.20 6.78 -2.58
C ILE B 122 -4.19 6.70 -1.06
N CYS B 123 -4.25 7.81 -0.33
CA CYS B 123 -4.06 7.73 1.12
C CYS B 123 -5.05 6.83 1.85
N VAL B 124 -6.32 6.88 1.46
CA VAL B 124 -7.36 6.05 2.11
C VAL B 124 -7.02 4.57 1.86
N ARG B 125 -6.63 4.28 0.60
CA ARG B 125 -6.26 2.91 0.18
C ARG B 125 -5.02 2.36 0.86
N HIS B 126 -4.03 3.23 1.05
CA HIS B 126 -2.78 2.86 1.72
C HIS B 126 -2.98 2.70 3.25
N THR B 127 -3.91 3.47 3.80
CA THR B 127 -4.34 3.27 5.17
C THR B 127 -5.05 1.90 5.33
N ALA B 128 -5.85 1.51 4.31
CA ALA B 128 -6.56 0.24 4.36
C ALA B 128 -5.61 -0.98 4.37
N ALA B 129 -4.60 -0.93 3.52
CA ALA B 129 -3.59 -1.96 3.44
C ALA B 129 -2.94 -2.20 4.77
N ASP B 130 -2.51 -1.14 5.42
CA ASP B 130 -1.80 -1.28 6.69
C ASP B 130 -2.74 -1.77 7.78
N ALA B 131 -4.04 -1.50 7.63
CA ALA B 131 -5.07 -1.98 8.55
C ALA B 131 -5.26 -3.47 8.43
N LEU B 132 -5.30 -3.92 7.17
CA LEU B 132 -5.35 -5.35 6.89
C LEU B 132 -4.14 -6.06 7.48
N TYR B 133 -2.95 -5.55 7.23
CA TYR B 133 -1.74 -6.16 7.77
C TYR B 133 -1.88 -6.38 9.28
N ARG B 134 -2.57 -5.45 9.93
CA ARG B 134 -2.64 -5.43 11.41
C ARG B 134 -3.92 -6.09 11.94
N ASN B 135 -4.60 -6.81 11.06
CA ASN B 135 -5.72 -7.64 11.44
C ASN B 135 -6.94 -6.83 11.91
N TYR B 136 -7.08 -5.61 11.41
CA TYR B 136 -8.32 -4.85 11.57
C TYR B 136 -9.24 -5.16 10.42
N ARG B 137 -10.53 -5.25 10.71
CA ARG B 137 -11.54 -5.28 9.66
C ARG B 137 -11.69 -3.86 9.15
N ILE B 138 -12.16 -3.73 7.90
CA ILE B 138 -12.19 -2.47 7.20
C ILE B 138 -13.56 -2.09 6.60
N ILE B 139 -13.95 -0.85 6.84
CA ILE B 139 -15.17 -0.29 6.32
C ILE B 139 -14.82 1.03 5.66
N VAL B 140 -15.26 1.20 4.43
CA VAL B 140 -15.11 2.44 3.70
C VAL B 140 -16.50 3.05 3.47
N VAL B 141 -16.64 4.33 3.77
CA VAL B 141 -17.87 5.07 3.49
C VAL B 141 -17.83 5.77 2.13
N GLU B 142 -18.46 5.16 1.13
CA GLU B 142 -18.24 5.52 -0.28
C GLU B 142 -18.48 6.97 -0.63
N ASP B 143 -19.42 7.60 0.06
CA ASP B 143 -19.71 8.99 -0.25
C ASP B 143 -18.87 9.94 0.59
N ALA B 144 -18.11 9.43 1.57
CA ALA B 144 -17.19 10.28 2.34
C ALA B 144 -15.72 10.06 1.88
N VAL B 145 -15.55 9.47 0.71
CA VAL B 145 -14.23 9.27 0.14
C VAL B 145 -14.25 9.77 -1.31
N ALA B 146 -13.17 10.41 -1.74
CA ALA B 146 -13.05 10.92 -3.09
C ALA B 146 -11.91 10.20 -3.83
N ALA B 147 -12.19 9.74 -5.04
CA ALA B 147 -11.15 9.14 -5.90
C ALA B 147 -10.32 10.22 -6.61
N ARG B 148 -9.15 9.84 -7.10
CA ARG B 148 -8.27 10.76 -7.82
C ARG B 148 -7.95 10.26 -9.24
N ILE B 149 -7.33 9.08 -9.35
CA ILE B 149 -6.94 8.50 -10.64
C ILE B 149 -7.78 7.27 -11.05
N ASP B 150 -8.05 6.37 -10.11
CA ASP B 150 -8.71 5.09 -10.42
C ASP B 150 -10.22 5.21 -10.21
N PRO B 151 -11.03 4.91 -11.27
CA PRO B 151 -12.49 4.85 -11.15
C PRO B 151 -13.00 3.52 -10.59
N ASN B 152 -12.19 2.47 -10.67
CA ASN B 152 -12.51 1.16 -10.08
C ASN B 152 -12.09 1.00 -8.60
N TRP B 153 -12.03 2.10 -7.89
CA TRP B 153 -11.49 2.08 -6.52
C TRP B 153 -12.34 1.27 -5.53
N LYS B 154 -13.66 1.35 -5.65
CA LYS B 154 -14.58 0.53 -4.81
C LYS B 154 -14.28 -0.97 -4.96
N ASP B 155 -14.10 -1.39 -6.20
CA ASP B 155 -13.77 -2.78 -6.53
C ASP B 155 -12.44 -3.21 -5.91
N TYR B 156 -11.47 -2.29 -5.86
CA TYR B 156 -10.16 -2.61 -5.33
C TYR B 156 -10.26 -2.86 -3.81
N PHE B 157 -10.91 -1.94 -3.11
CA PHE B 157 -11.15 -2.08 -1.69
C PHE B 157 -11.76 -3.43 -1.30
N THR B 158 -12.84 -3.79 -1.98
CA THR B 158 -13.57 -5.01 -1.70
C THR B 158 -12.78 -6.27 -2.11
N ARG B 159 -12.19 -6.25 -3.30
CA ARG B 159 -11.50 -7.45 -3.82
C ARG B 159 -10.14 -7.66 -3.12
N VAL B 160 -9.42 -6.57 -2.80
CA VAL B 160 -8.05 -6.67 -2.30
C VAL B 160 -7.93 -6.58 -0.76
N TYR B 161 -8.74 -5.76 -0.11
CA TYR B 161 -8.72 -5.64 1.35
C TYR B 161 -9.93 -6.28 2.03
N GLY B 162 -10.76 -6.98 1.29
CA GLY B 162 -12.03 -7.53 1.84
C GLY B 162 -12.89 -6.50 2.56
N ALA B 163 -12.73 -5.21 2.19
CA ALA B 163 -13.47 -4.14 2.84
C ALA B 163 -14.96 -4.29 2.54
N THR B 164 -15.80 -3.85 3.47
CA THR B 164 -17.21 -3.64 3.20
C THR B 164 -17.44 -2.14 3.00
N VAL B 165 -18.30 -1.81 2.05
CA VAL B 165 -18.54 -0.42 1.65
C VAL B 165 -19.90 0.01 2.14
N LYS B 166 -19.97 1.17 2.79
CA LYS B 166 -21.21 1.71 3.34
C LYS B 166 -21.42 3.15 2.89
N ARG B 167 -22.63 3.67 3.07
CA ARG B 167 -22.90 5.10 2.84
C ARG B 167 -23.04 5.83 4.17
N SER B 168 -22.77 7.13 4.17
CA SER B 168 -22.76 7.90 5.39
C SER B 168 -24.08 7.77 6.15
N ASP B 169 -25.18 7.70 5.41
CA ASP B 169 -26.53 7.59 6.02
C ASP B 169 -26.83 6.21 6.64
N GLU B 170 -25.95 5.23 6.46
CA GLU B 170 -26.06 3.95 7.18
C GLU B 170 -25.21 3.92 8.48
N ILE B 171 -25.63 3.14 9.47
CA ILE B 171 -24.89 2.99 10.75
C ILE B 171 -25.23 1.66 11.48
N GLU B 172 -24.22 0.82 11.58
CA GLU B 172 -24.31 -0.44 12.27
C GLU B 172 -24.01 -0.28 13.77
N GLY B 173 -24.01 0.95 14.30
CA GLY B 173 -23.85 1.17 15.75
C GLY B 173 -25.15 1.39 16.51
#